data_6WJP
#
_entry.id   6WJP
#
_cell.length_a   83.341
_cell.length_b   83.341
_cell.length_c   83.341
_cell.angle_alpha   90.000
_cell.angle_beta   90.000
_cell.angle_gamma   90.000
#
_symmetry.space_group_name_H-M   'P 21 3'
#
loop_
_entity.id
_entity.type
_entity.pdbx_description
1 polymer 'Arginine repressor'
2 non-polymer ARGININE
3 non-polymer 'ACETATE ION'
4 non-polymer GLYCEROL
5 non-polymer 2-AMINO-2-HYDROXYMETHYL-PROPANE-1,3-DIOL
6 water water
#
_entity_poly.entity_id   1
_entity_poly.type   'polypeptide(L)'
_entity_poly.pdbx_seq_one_letter_code
;VGTREKLRKMLDDLLVSVDHSGNIAVLRTPPGGAQFLASFIDRVGMEEVVGTIAGDDTVFVLARDPMTGQELGEFLSQRR
SGN
;
_entity_poly.pdbx_strand_id   A,B
#
loop_
_chem_comp.id
_chem_comp.type
_chem_comp.name
_chem_comp.formula
ACT non-polymer 'ACETATE ION' 'C2 H3 O2 -1'
GOL non-polymer GLYCEROL 'C3 H8 O3'
TRS non-polymer 2-AMINO-2-HYDROXYMETHYL-PROPANE-1,3-DIOL 'C4 H12 N O3 1'
#
# COMPACT_ATOMS: atom_id res chain seq x y z
N VAL A 1 -19.53 -4.47 4.80
CA VAL A 1 -19.49 -3.07 5.20
C VAL A 1 -18.15 -2.49 4.74
N GLY A 2 -17.51 -3.18 3.82
CA GLY A 2 -16.38 -2.67 3.06
C GLY A 2 -15.06 -3.29 3.51
N THR A 3 -14.14 -3.41 2.55
CA THR A 3 -12.75 -3.73 2.83
C THR A 3 -12.08 -2.70 3.74
N ARG A 4 -12.76 -1.58 4.00
CA ARG A 4 -12.26 -0.57 4.92
C ARG A 4 -12.34 -1.08 6.35
N GLU A 5 -13.54 -1.09 6.92
CA GLU A 5 -13.70 -1.38 8.34
C GLU A 5 -13.40 -2.85 8.67
N LYS A 6 -13.62 -3.75 7.72
CA LYS A 6 -13.37 -5.17 7.99
C LYS A 6 -11.92 -5.41 8.35
N LEU A 7 -11.02 -4.67 7.70
CA LEU A 7 -9.61 -4.59 8.02
C LEU A 7 -9.38 -4.53 9.52
N ARG A 8 -9.71 -3.38 10.10
CA ARG A 8 -9.74 -3.17 11.53
C ARG A 8 -10.26 -4.39 12.29
N LYS A 9 -11.52 -4.76 12.04
CA LYS A 9 -12.17 -5.83 12.80
C LYS A 9 -11.40 -7.14 12.67
N MET A 10 -10.99 -7.49 11.43
CA MET A 10 -10.12 -8.64 11.25
C MET A 10 -8.84 -8.48 12.05
N LEU A 11 -8.22 -7.29 11.98
CA LEU A 11 -7.00 -7.03 12.73
C LEU A 11 -7.23 -7.17 14.22
N ASP A 12 -8.25 -6.49 14.74
CA ASP A 12 -8.54 -6.58 16.17
C ASP A 12 -8.86 -8.00 16.57
N ASP A 13 -9.63 -8.71 15.73
CA ASP A 13 -10.04 -10.06 16.10
C ASP A 13 -8.86 -11.02 16.15
N LEU A 14 -7.82 -10.78 15.36
CA LEU A 14 -6.84 -11.82 15.10
C LEU A 14 -5.42 -11.52 15.56
N LEU A 15 -4.98 -10.27 15.50
CA LEU A 15 -3.58 -9.93 15.75
C LEU A 15 -3.27 -10.13 17.23
N VAL A 16 -2.46 -11.14 17.54
CA VAL A 16 -1.99 -11.34 18.91
C VAL A 16 -0.84 -10.37 19.21
N SER A 17 0.11 -10.29 18.30
CA SER A 17 1.24 -9.40 18.51
C SER A 17 1.82 -9.07 17.16
N VAL A 18 2.58 -7.98 17.12
CA VAL A 18 3.35 -7.60 15.94
C VAL A 18 4.80 -7.45 16.36
N ASP A 19 5.70 -7.99 15.55
CA ASP A 19 7.11 -7.83 15.79
C ASP A 19 7.76 -7.53 14.45
N HIS A 20 9.08 -7.42 14.46
CA HIS A 20 9.77 -7.07 13.24
C HIS A 20 11.24 -7.38 13.38
N SER A 21 11.88 -7.63 12.25
CA SER A 21 13.35 -7.67 12.15
C SER A 21 13.71 -7.50 10.69
N GLY A 22 14.47 -6.45 10.38
CA GLY A 22 14.84 -6.24 9.00
C GLY A 22 13.64 -5.82 8.15
N ASN A 23 13.58 -6.37 6.93
CA ASN A 23 12.52 -6.01 6.00
C ASN A 23 11.27 -6.83 6.19
N ILE A 24 11.11 -7.51 7.32
CA ILE A 24 9.95 -8.36 7.58
C ILE A 24 9.26 -7.91 8.85
N ALA A 25 7.95 -7.73 8.77
CA ALA A 25 7.10 -7.68 9.94
C ALA A 25 6.54 -9.06 10.22
N VAL A 26 6.54 -9.45 11.49
CA VAL A 26 6.03 -10.75 11.92
C VAL A 26 4.73 -10.52 12.68
N LEU A 27 3.66 -11.16 12.20
CA LEU A 27 2.36 -11.09 12.84
C LEU A 27 2.04 -12.44 13.47
N ARG A 28 1.67 -12.43 14.75
CA ARG A 28 1.28 -13.64 15.45
C ARG A 28 -0.24 -13.71 15.52
N THR A 29 -0.77 -14.91 15.31
CA THR A 29 -2.21 -15.14 15.37
C THR A 29 -2.48 -16.23 16.40
N PRO A 30 -3.75 -16.51 16.69
CA PRO A 30 -4.08 -17.76 17.37
C PRO A 30 -3.77 -18.93 16.47
N PRO A 31 -3.80 -20.15 16.99
CA PRO A 31 -3.51 -21.32 16.14
C PRO A 31 -4.48 -21.38 14.98
N GLY A 32 -3.96 -21.78 13.82
CA GLY A 32 -4.74 -21.89 12.63
C GLY A 32 -5.13 -20.58 12.00
N GLY A 33 -4.80 -19.45 12.62
CA GLY A 33 -5.29 -18.20 12.10
C GLY A 33 -4.46 -17.56 11.02
N ALA A 34 -3.25 -18.06 10.77
CA ALA A 34 -2.29 -17.33 9.96
C ALA A 34 -2.78 -17.13 8.53
N GLN A 35 -3.24 -18.21 7.89
CA GLN A 35 -3.69 -18.11 6.51
C GLN A 35 -4.86 -17.14 6.37
N PHE A 36 -5.77 -17.17 7.34
CA PHE A 36 -6.94 -16.29 7.28
C PHE A 36 -6.53 -14.83 7.26
N LEU A 37 -5.71 -14.44 8.23
CA LEU A 37 -5.28 -13.05 8.33
C LEU A 37 -4.53 -12.61 7.08
N ALA A 38 -3.62 -13.46 6.59
CA ALA A 38 -2.80 -13.03 5.46
C ALA A 38 -3.63 -12.88 4.20
N SER A 39 -4.75 -13.61 4.11
CA SER A 39 -5.64 -13.45 2.96
C SER A 39 -6.14 -12.02 2.83
N PHE A 40 -6.59 -11.41 3.94
CA PHE A 40 -7.11 -10.06 3.84
C PHE A 40 -6.02 -9.08 3.49
N ILE A 41 -4.86 -9.23 4.10
CA ILE A 41 -3.72 -8.38 3.78
C ILE A 41 -3.47 -8.39 2.27
N ASP A 42 -3.29 -9.57 1.71
CA ASP A 42 -3.16 -9.69 0.27
C ASP A 42 -4.29 -8.98 -0.45
N ARG A 43 -5.49 -8.99 0.14
CA ARG A 43 -6.66 -8.55 -0.59
C ARG A 43 -6.94 -7.06 -0.49
N VAL A 44 -6.48 -6.40 0.59
CA VAL A 44 -6.58 -4.95 0.60
C VAL A 44 -5.54 -4.31 -0.31
N GLY A 45 -4.52 -5.06 -0.72
CA GLY A 45 -3.52 -4.55 -1.64
C GLY A 45 -2.69 -3.42 -1.08
N MET A 46 -1.72 -3.75 -0.23
CA MET A 46 -0.73 -2.78 0.21
C MET A 46 0.49 -2.87 -0.68
N GLU A 47 0.89 -1.76 -1.26
CA GLU A 47 1.99 -1.89 -2.22
C GLU A 47 3.36 -1.70 -1.60
N GLU A 48 3.43 -1.33 -0.32
CA GLU A 48 4.69 -1.51 0.40
C GLU A 48 4.86 -2.93 0.89
N VAL A 49 3.89 -3.79 0.63
CA VAL A 49 4.01 -5.21 0.90
C VAL A 49 4.28 -5.92 -0.41
N VAL A 50 5.47 -6.52 -0.51
CA VAL A 50 5.79 -7.32 -1.68
C VAL A 50 4.94 -8.59 -1.68
N GLY A 51 4.81 -9.22 -0.53
CA GLY A 51 4.02 -10.43 -0.42
C GLY A 51 3.95 -10.89 1.02
N THR A 52 3.18 -11.96 1.22
CA THR A 52 3.04 -12.57 2.55
C THR A 52 3.10 -14.08 2.43
N ILE A 53 3.56 -14.70 3.51
CA ILE A 53 3.54 -16.14 3.72
C ILE A 53 2.97 -16.42 5.11
N ALA A 54 1.93 -17.24 5.16
CA ALA A 54 1.36 -17.67 6.42
C ALA A 54 1.78 -19.10 6.74
N GLY A 55 1.97 -19.37 8.02
CA GLY A 55 2.14 -20.73 8.50
C GLY A 55 0.89 -21.20 9.20
N ASP A 56 0.99 -21.51 10.49
CA ASP A 56 -0.20 -21.83 11.29
C ASP A 56 -0.64 -20.67 12.16
N ASP A 57 0.28 -20.03 12.89
CA ASP A 57 -0.04 -18.90 13.75
C ASP A 57 0.84 -17.70 13.46
N THR A 58 1.60 -17.73 12.39
CA THR A 58 2.56 -16.67 12.10
C THR A 58 2.45 -16.30 10.62
N VAL A 59 2.53 -15.01 10.35
CA VAL A 59 2.60 -14.48 9.00
C VAL A 59 3.88 -13.66 8.88
N PHE A 60 4.68 -13.93 7.86
CA PHE A 60 5.79 -13.06 7.48
C PHE A 60 5.32 -12.16 6.36
N VAL A 61 5.46 -10.86 6.56
CA VAL A 61 5.09 -9.86 5.57
C VAL A 61 6.35 -9.13 5.13
N LEU A 62 6.63 -9.12 3.84
CA LEU A 62 7.89 -8.58 3.31
C LEU A 62 7.69 -7.14 2.91
N ALA A 63 8.41 -6.24 3.56
CA ALA A 63 8.34 -4.84 3.21
C ALA A 63 9.02 -4.59 1.88
N ARG A 64 8.41 -3.74 1.06
CA ARG A 64 9.07 -3.30 -0.16
C ARG A 64 10.12 -2.28 0.19
N ASP A 65 11.34 -2.52 -0.25
CA ASP A 65 12.38 -1.52 -0.09
C ASP A 65 11.95 -0.21 -0.75
N PRO A 66 12.23 0.94 -0.14
CA PRO A 66 13.02 1.17 1.07
C PRO A 66 12.34 0.89 2.41
N MET A 67 11.05 0.58 2.41
CA MET A 67 10.33 0.42 3.67
C MET A 67 10.88 -0.76 4.47
N THR A 68 10.74 -0.67 5.78
CA THR A 68 11.31 -1.62 6.72
C THR A 68 10.19 -2.35 7.46
N GLY A 69 10.56 -3.45 8.12
CA GLY A 69 9.58 -4.24 8.84
C GLY A 69 8.97 -3.47 10.00
N GLN A 70 9.77 -2.64 10.67
CA GLN A 70 9.26 -1.79 11.74
C GLN A 70 8.24 -0.80 11.20
N GLU A 71 8.60 -0.04 10.17
CA GLU A 71 7.66 0.88 9.54
C GLU A 71 6.42 0.15 9.08
N LEU A 72 6.58 -1.05 8.53
CA LEU A 72 5.45 -1.85 8.10
C LEU A 72 4.56 -2.21 9.29
N GLY A 73 5.15 -2.77 10.34
CA GLY A 73 4.38 -3.15 11.50
C GLY A 73 3.69 -1.98 12.18
N GLU A 74 4.31 -0.80 12.13
CA GLU A 74 3.66 0.38 12.67
C GLU A 74 2.44 0.77 11.85
N PHE A 75 2.61 0.84 10.52
CA PHE A 75 1.50 1.13 9.62
C PHE A 75 0.29 0.24 9.92
N LEU A 76 0.53 -0.94 10.49
CA LEU A 76 -0.55 -1.82 10.90
C LEU A 76 -1.10 -1.44 12.26
N SER A 77 -0.23 -1.35 13.26
CA SER A 77 -0.67 -1.08 14.63
C SER A 77 -1.54 0.16 14.75
N GLN A 78 -1.59 1.01 13.72
CA GLN A 78 -2.49 2.15 13.69
C GLN A 78 -3.84 1.82 13.07
N ARG A 79 -3.91 0.76 12.27
CA ARG A 79 -5.17 0.34 11.68
C ARG A 79 -6.07 -0.37 12.67
N ARG A 80 -5.53 -0.85 13.78
CA ARG A 80 -6.32 -1.53 14.79
C ARG A 80 -7.21 -0.55 15.56
N GLY B 2 -5.31 -4.07 -10.77
CA GLY B 2 -4.39 -4.83 -11.59
C GLY B 2 -3.10 -4.07 -11.84
N THR B 3 -1.97 -4.77 -11.71
CA THR B 3 -0.67 -4.14 -11.91
C THR B 3 0.30 -5.00 -12.71
N ARG B 4 -0.16 -6.08 -13.34
CA ARG B 4 0.75 -7.08 -13.93
C ARG B 4 1.60 -6.50 -15.05
N GLU B 5 0.96 -6.17 -16.16
CA GLU B 5 1.58 -5.51 -17.30
C GLU B 5 1.14 -4.06 -17.44
N LYS B 6 0.25 -3.59 -16.57
CA LYS B 6 -0.34 -2.27 -16.64
C LYS B 6 0.25 -1.29 -15.64
N LEU B 7 1.02 -1.77 -14.68
CA LEU B 7 1.56 -0.89 -13.64
C LEU B 7 2.70 -0.05 -14.21
N ARG B 8 3.86 -0.67 -14.40
CA ARG B 8 5.01 0.05 -14.92
C ARG B 8 4.71 0.71 -16.26
N LYS B 9 3.95 0.00 -17.12
CA LYS B 9 3.73 0.46 -18.48
C LYS B 9 3.08 1.83 -18.52
N MET B 10 1.97 1.99 -17.79
CA MET B 10 1.26 3.26 -17.78
C MET B 10 2.13 4.37 -17.22
N LEU B 11 2.75 4.13 -16.06
CA LEU B 11 3.65 5.11 -15.48
C LEU B 11 4.68 5.57 -16.49
N ASP B 12 5.31 4.63 -17.20
CA ASP B 12 6.24 5.07 -18.23
C ASP B 12 5.53 5.87 -19.30
N ASP B 13 4.29 5.48 -19.63
CA ASP B 13 3.56 6.17 -20.68
C ASP B 13 3.09 7.54 -20.26
N LEU B 14 2.90 7.76 -18.94
CA LEU B 14 2.13 8.92 -18.47
C LEU B 14 2.78 9.73 -17.35
N LEU B 15 3.59 9.08 -16.53
CA LEU B 15 4.16 9.75 -15.35
C LEU B 15 5.37 10.57 -15.78
N VAL B 16 5.21 11.89 -15.78
CA VAL B 16 6.29 12.78 -16.18
C VAL B 16 7.27 12.99 -15.02
N SER B 17 6.75 13.24 -13.83
CA SER B 17 7.61 13.46 -12.67
C SER B 17 6.81 13.21 -11.40
N VAL B 18 7.55 12.94 -10.33
CA VAL B 18 6.97 12.75 -9.01
C VAL B 18 7.61 13.76 -8.07
N ASP B 19 6.77 14.36 -7.22
CA ASP B 19 7.21 15.20 -6.11
C ASP B 19 6.28 14.93 -4.94
N HIS B 20 6.44 15.69 -3.86
CA HIS B 20 5.74 15.33 -2.65
C HIS B 20 5.87 16.48 -1.65
N SER B 21 4.99 16.44 -0.65
CA SER B 21 5.08 17.31 0.51
C SER B 21 4.05 16.80 1.50
N GLY B 22 4.48 16.54 2.73
CA GLY B 22 3.54 16.04 3.72
C GLY B 22 3.03 14.67 3.35
N ASN B 23 1.73 14.46 3.52
CA ASN B 23 1.11 13.19 3.21
C ASN B 23 0.60 13.12 1.77
N ILE B 24 1.11 13.96 0.88
CA ILE B 24 0.65 14.01 -0.51
C ILE B 24 1.82 13.79 -1.46
N ALA B 25 1.64 12.86 -2.38
CA ALA B 25 2.51 12.70 -3.54
C ALA B 25 1.85 13.37 -4.74
N VAL B 26 2.66 14.06 -5.53
CA VAL B 26 2.19 14.83 -6.67
C VAL B 26 2.73 14.19 -7.94
N LEU B 27 1.82 13.87 -8.85
CA LEU B 27 2.16 13.28 -10.14
C LEU B 27 1.82 14.26 -11.25
N ARG B 28 2.82 14.61 -12.05
CA ARG B 28 2.63 15.44 -13.23
C ARG B 28 2.51 14.54 -14.44
N THR B 29 1.51 14.81 -15.27
CA THR B 29 1.32 14.08 -16.52
C THR B 29 1.43 15.08 -17.67
N PRO B 30 1.39 14.62 -18.92
CA PRO B 30 1.23 15.55 -20.03
C PRO B 30 -0.15 16.18 -20.00
N PRO B 31 -0.37 17.24 -20.79
CA PRO B 31 -1.68 17.90 -20.80
C PRO B 31 -2.82 16.93 -20.99
N GLY B 32 -3.87 17.09 -20.19
CA GLY B 32 -5.04 16.26 -20.28
C GLY B 32 -4.89 14.87 -19.70
N GLY B 33 -3.69 14.52 -19.23
CA GLY B 33 -3.45 13.16 -18.81
C GLY B 33 -3.83 12.80 -17.40
N ALA B 34 -4.23 13.79 -16.57
CA ALA B 34 -4.33 13.55 -15.13
C ALA B 34 -5.45 12.57 -14.79
N GLN B 35 -6.64 12.75 -15.36
CA GLN B 35 -7.75 11.84 -15.06
C GLN B 35 -7.41 10.42 -15.47
N PHE B 36 -6.71 10.28 -16.59
CA PHE B 36 -6.46 8.96 -17.14
C PHE B 36 -5.51 8.16 -16.25
N LEU B 37 -4.39 8.75 -15.85
CA LEU B 37 -3.46 8.05 -14.98
C LEU B 37 -4.11 7.72 -13.64
N ALA B 38 -4.88 8.67 -13.08
CA ALA B 38 -5.50 8.45 -11.78
C ALA B 38 -6.53 7.34 -11.85
N SER B 39 -7.17 7.17 -13.01
CA SER B 39 -8.05 6.04 -13.22
C SER B 39 -7.33 4.73 -12.94
N PHE B 40 -6.10 4.57 -13.42
CA PHE B 40 -5.37 3.32 -13.20
C PHE B 40 -5.02 3.15 -11.73
N ILE B 41 -4.68 4.25 -11.06
CA ILE B 41 -4.29 4.16 -9.66
C ILE B 41 -5.47 3.75 -8.79
N ASP B 42 -6.63 4.38 -9.01
CA ASP B 42 -7.81 4.02 -8.23
C ASP B 42 -8.15 2.57 -8.43
N ARG B 43 -7.85 2.03 -9.60
CA ARG B 43 -8.38 0.73 -9.96
C ARG B 43 -7.57 -0.42 -9.36
N VAL B 44 -6.29 -0.20 -9.05
CA VAL B 44 -5.60 -1.23 -8.30
C VAL B 44 -6.13 -1.26 -6.88
N GLY B 45 -6.55 -0.11 -6.36
CA GLY B 45 -7.14 -0.05 -5.05
C GLY B 45 -6.10 -0.27 -3.96
N MET B 46 -5.13 0.61 -3.90
CA MET B 46 -4.06 0.45 -2.93
C MET B 46 -4.52 0.96 -1.57
N GLU B 47 -4.27 0.15 -0.55
CA GLU B 47 -4.75 0.48 0.79
C GLU B 47 -4.26 1.85 1.22
N GLU B 48 -2.96 2.10 1.06
CA GLU B 48 -2.33 3.33 1.55
C GLU B 48 -2.73 4.55 0.75
N VAL B 49 -3.41 4.39 -0.38
CA VAL B 49 -3.94 5.51 -1.14
C VAL B 49 -5.32 5.83 -0.59
N VAL B 50 -5.40 6.86 0.26
CA VAL B 50 -6.70 7.25 0.78
C VAL B 50 -7.60 7.71 -0.36
N GLY B 51 -7.03 8.38 -1.33
CA GLY B 51 -7.81 8.74 -2.50
C GLY B 51 -6.97 9.57 -3.44
N THR B 52 -7.56 9.85 -4.60
CA THR B 52 -6.87 10.60 -5.65
C THR B 52 -7.79 11.68 -6.19
N ILE B 53 -7.21 12.82 -6.52
CA ILE B 53 -7.88 13.87 -7.30
C ILE B 53 -7.01 14.21 -8.49
N ALA B 54 -7.60 14.22 -9.68
CA ALA B 54 -6.93 14.54 -10.93
C ALA B 54 -7.43 15.86 -11.47
N GLY B 55 -6.51 16.76 -11.80
CA GLY B 55 -6.84 17.98 -12.48
C GLY B 55 -6.71 17.81 -13.97
N ASP B 56 -5.85 18.60 -14.60
CA ASP B 56 -5.61 18.43 -16.02
C ASP B 56 -4.30 17.71 -16.32
N ASP B 57 -3.21 18.16 -15.70
CA ASP B 57 -1.92 17.52 -15.88
C ASP B 57 -1.28 17.16 -14.54
N THR B 58 -2.03 17.22 -13.45
CA THR B 58 -1.53 16.95 -12.11
C THR B 58 -2.49 16.03 -11.37
N VAL B 59 -1.92 15.10 -10.60
CA VAL B 59 -2.67 14.21 -9.72
C VAL B 59 -2.14 14.35 -8.30
N PHE B 60 -3.04 14.54 -7.34
CA PHE B 60 -2.71 14.53 -5.92
C PHE B 60 -3.14 13.20 -5.32
N VAL B 61 -2.19 12.50 -4.73
CA VAL B 61 -2.38 11.20 -4.10
C VAL B 61 -2.23 11.40 -2.60
N LEU B 62 -3.29 11.10 -1.85
CA LEU B 62 -3.26 11.23 -0.40
C LEU B 62 -2.77 9.93 0.22
N ALA B 63 -1.66 9.98 0.93
CA ALA B 63 -1.12 8.83 1.61
C ALA B 63 -1.79 8.65 2.96
N ARG B 64 -2.09 7.40 3.29
CA ARG B 64 -2.67 7.10 4.58
C ARG B 64 -1.57 7.18 5.65
N ASP B 65 -1.73 8.11 6.56
CA ASP B 65 -0.94 8.21 7.78
C ASP B 65 -0.76 6.82 8.39
N PRO B 66 0.43 6.45 8.88
CA PRO B 66 1.63 7.26 9.07
C PRO B 66 2.54 7.31 7.87
N MET B 67 2.15 6.63 6.80
CA MET B 67 2.94 6.71 5.58
C MET B 67 2.97 8.14 5.06
N THR B 68 4.10 8.50 4.49
CA THR B 68 4.36 9.85 4.00
C THR B 68 4.14 9.93 2.49
N GLY B 69 3.92 11.15 2.01
CA GLY B 69 3.80 11.36 0.58
C GLY B 69 5.06 10.99 -0.17
N GLN B 70 6.21 11.21 0.44
CA GLN B 70 7.47 10.83 -0.22
C GLN B 70 7.55 9.33 -0.40
N GLU B 71 7.29 8.57 0.67
CA GLU B 71 7.31 7.11 0.59
C GLU B 71 6.37 6.60 -0.49
N LEU B 72 5.20 7.23 -0.61
CA LEU B 72 4.23 6.82 -1.61
C LEU B 72 4.72 7.13 -3.02
N GLY B 73 5.15 8.37 -3.25
CA GLY B 73 5.72 8.70 -4.54
C GLY B 73 6.90 7.82 -4.89
N GLU B 74 7.64 7.37 -3.87
CA GLU B 74 8.77 6.48 -4.10
C GLU B 74 8.36 5.23 -4.86
N PHE B 75 7.26 4.59 -4.46
CA PHE B 75 6.84 3.33 -5.06
C PHE B 75 6.53 3.49 -6.55
N LEU B 76 5.64 4.42 -6.87
CA LEU B 76 5.24 4.60 -8.27
C LEU B 76 6.43 4.97 -9.14
N SER B 77 7.35 5.76 -8.61
CA SER B 77 8.64 5.95 -9.26
C SER B 77 9.34 4.62 -9.47
N GLN B 78 9.26 3.71 -8.50
CA GLN B 78 9.98 2.46 -8.57
C GLN B 78 9.41 1.51 -9.62
N ARG B 79 8.15 1.68 -9.99
CA ARG B 79 7.56 0.85 -11.03
C ARG B 79 7.98 1.38 -12.39
N ARG B 80 9.29 1.50 -12.60
CA ARG B 80 9.88 2.13 -13.78
C ARG B 80 11.39 1.93 -13.78
N ARG C . -0.20 -15.17 0.66
CA ARG C . -0.33 -16.00 1.85
C ARG C . 0.20 -17.40 1.60
O ARG C . 0.58 -18.06 2.55
CB ARG C . -1.78 -16.07 2.33
CG ARG C . -2.74 -16.90 1.46
CD ARG C . -4.18 -16.50 1.75
NE ARG C . -5.16 -17.21 0.94
CZ ARG C . -5.60 -18.45 1.13
NH1 ARG C . -6.49 -18.98 0.30
NH2 ARG C . -5.19 -19.18 2.16
OXT ARG C . 0.25 -17.89 0.48
C ACT D . 6.32 -7.42 20.38
O ACT D . 6.07 -6.27 20.82
OXT ACT D . 7.41 -7.89 19.97
CH3 ACT D . 5.12 -8.39 20.33
N ARG E . -10.49 9.74 -8.27
CA ARG E . -9.95 10.66 -9.24
C ARG E . -10.82 11.90 -9.34
O ARG E . -10.39 12.92 -9.86
CB ARG E . -9.81 10.02 -10.62
CG ARG E . -11.09 9.44 -11.22
CD ARG E . -10.77 8.56 -12.42
NE ARG E . -11.93 8.24 -13.24
CZ ARG E . -12.30 8.90 -14.33
NH1 ARG E . -13.36 8.53 -15.01
NH2 ARG E . -11.60 9.95 -14.73
OXT ARG E . -11.96 11.90 -8.91
C1 GOL F . -1.14 21.52 -19.82
O1 GOL F . -1.96 20.69 -19.08
C2 GOL F . -2.04 22.47 -20.66
O2 GOL F . -1.98 23.74 -20.15
C3 GOL F . -1.57 22.39 -22.15
O3 GOL F . -2.70 22.33 -23.00
C TRS G . -11.54 18.58 -13.00
C1 TRS G . -11.05 19.79 -13.79
C2 TRS G . -11.30 17.30 -13.79
C3 TRS G . -13.04 18.73 -12.70
N TRS G . -10.81 18.52 -11.73
O1 TRS G . -11.17 20.97 -13.03
O2 TRS G . -9.91 17.01 -13.84
O3 TRS G . -13.50 17.62 -11.96
#